data_5JTY
#
_entry.id   5JTY
#
_cell.length_a   54.569
_cell.length_b   89.684
_cell.length_c   130.415
_cell.angle_alpha   90.00
_cell.angle_beta   90.00
_cell.angle_gamma   90.00
#
_symmetry.space_group_name_H-M   'P 21 21 21'
#
loop_
_entity.id
_entity.type
_entity.pdbx_description
1 polymer 'Glutamate receptor ionotropic, NMDA 1,Glutamate receptor ionotropic, NMDA 1'
2 polymer 'Glutamate receptor ionotropic, NMDA 2A,Glutamate receptor ionotropic, NMDA 2A'
3 non-polymer '4-hydroxy-5,7-dimethylquinoline-2-carboxylic acid'
4 non-polymer 5-({[(3,4-difluorophenyl)sulfonyl]amino}methyl)-6-methyl-N-[(2-methyl-1,3-thiazol-5-yl)methyl]pyrazine-2-carboxamide
5 non-polymer 'GLUTAMIC ACID'
6 water water
#
loop_
_entity_poly.entity_id
_entity_poly.type
_entity_poly.pdbx_seq_one_letter_code
_entity_poly.pdbx_strand_id
1 'polypeptide(L)'
;GMSTRLKIVTIHQEPFVYVKPTMSDGTCKEEFTVNGDPVKKVICTGPNDTSPGSPRHTVPQCCYGFCIDLLIKLARTMNF
TYEVHLVADGKFGTQERVNNSNKKEWNGMMGELLSGQADMIVAPLTINNERAQYIEFSKPFKYQGLTILVKKGTRITGIN
DPRLRNPSDKFIYATVKQSSVDIYFRRQVELSTMYRHMEKHNYESAAEAIQAVRDNKLHAFIWDSAVLEFEASQKCDLVT
TGELFFRSGFGIGMRKDSPWKQNVSLSILKSHENGFMEDLDKTWVRYQECDS
;
A
2 'polypeptide(L)'
;SDDNHLSIVTLEEAPFVIVEDIDPLTETCVRNTVPCRKFVKINNSTNEGMNVKKCCKGFCIDILKKLSRTVKFTYDLYLV
TNGKHGKKVNNVWNGMIGEVVYQRAVMAVGSLTINEERSEVVDFSVPFVETGISVMVSRGTQVTGLSDKKFQRPHDYSPP
FRFGTVPNGSTERNIRNNYPYMHQYMTRFNQRGVEDALVSLKTGKLDAFIYDAAVLNYKAGRDEGCKLVTIGSGYIFATT
GYGIALQKGSPWKRQIDLALLQFVGDGEMEELETLWLTGIC
;
B
#
# COMPACT_ATOMS: atom_id res chain seq x y z
N THR A 4 10.34 -18.53 26.63
CA THR A 4 9.86 -17.21 26.22
C THR A 4 9.66 -17.15 24.70
N ARG A 5 9.63 -18.32 24.09
CA ARG A 5 9.49 -18.42 22.64
C ARG A 5 8.14 -17.86 22.19
N LEU A 6 8.15 -17.25 21.01
CA LEU A 6 6.91 -16.80 20.38
C LEU A 6 6.28 -17.96 19.61
N LYS A 7 5.03 -18.28 19.93
CA LYS A 7 4.30 -19.30 19.16
C LYS A 7 3.82 -18.65 17.88
N ILE A 8 4.53 -18.89 16.79
CA ILE A 8 4.20 -18.32 15.49
C ILE A 8 3.34 -19.32 14.72
N VAL A 9 2.20 -18.86 14.23
CA VAL A 9 1.33 -19.67 13.39
C VAL A 9 1.40 -19.13 11.97
N THR A 10 1.46 -20.04 11.00
CA THR A 10 1.44 -19.68 9.59
C THR A 10 0.59 -20.70 8.85
N ILE A 11 0.48 -20.54 7.54
CA ILE A 11 -0.39 -21.37 6.71
C ILE A 11 0.31 -21.65 5.38
N HIS A 12 -0.03 -22.79 4.79
CA HIS A 12 0.53 -23.18 3.50
C HIS A 12 -0.05 -22.27 2.41
N GLN A 13 0.80 -21.40 1.85
CA GLN A 13 0.35 -20.49 0.79
C GLN A 13 1.60 -19.99 0.04
N GLU A 14 1.93 -20.68 -1.05
CA GLU A 14 3.04 -20.29 -1.90
C GLU A 14 2.66 -19.05 -2.71
N PRO A 15 3.64 -18.18 -2.99
CA PRO A 15 5.07 -18.30 -2.70
C PRO A 15 5.46 -17.74 -1.33
N PHE A 16 4.46 -17.40 -0.51
CA PHE A 16 4.75 -16.80 0.78
C PHE A 16 5.29 -17.83 1.77
N VAL A 17 4.62 -18.98 1.87
CA VAL A 17 5.04 -20.03 2.80
C VAL A 17 4.98 -21.38 2.12
N TYR A 18 6.13 -21.88 1.67
CA TYR A 18 6.23 -23.26 1.20
C TYR A 18 6.41 -24.18 2.39
N VAL A 19 5.76 -25.35 2.32
CA VAL A 19 6.00 -26.41 3.30
C VAL A 19 6.20 -27.73 2.54
N LYS A 20 7.30 -28.41 2.84
CA LYS A 20 7.67 -29.67 2.23
C LYS A 20 8.11 -30.64 3.31
N PRO A 21 7.96 -31.95 3.10
CA PRO A 21 8.32 -32.91 4.14
C PRO A 21 9.81 -32.91 4.42
N THR A 22 10.14 -33.39 5.62
CA THR A 22 11.54 -33.55 5.99
C THR A 22 12.15 -34.74 5.26
N MET A 23 13.48 -34.84 5.32
CA MET A 23 14.19 -35.96 4.72
C MET A 23 14.00 -37.20 5.59
N SER A 24 14.76 -38.26 5.30
CA SER A 24 14.65 -39.48 6.08
C SER A 24 15.27 -39.30 7.47
N ASP A 25 16.32 -38.50 7.58
CA ASP A 25 17.01 -38.29 8.85
C ASP A 25 16.33 -37.27 9.74
N GLY A 26 15.26 -36.64 9.28
CA GLY A 26 14.57 -35.63 10.06
C GLY A 26 14.96 -34.20 9.75
N THR A 27 15.88 -33.99 8.80
CA THR A 27 16.31 -32.66 8.42
C THR A 27 15.61 -32.23 7.13
N CYS A 28 15.96 -31.05 6.64
CA CYS A 28 15.36 -30.47 5.45
C CYS A 28 16.44 -30.25 4.40
N LYS A 29 16.17 -30.72 3.17
CA LYS A 29 17.13 -30.60 2.08
C LYS A 29 17.56 -29.15 1.90
N GLU A 30 18.87 -28.95 1.73
CA GLU A 30 19.44 -27.61 1.57
C GLU A 30 19.37 -27.22 0.10
N GLU A 31 18.52 -26.25 -0.22
CA GLU A 31 18.39 -25.71 -1.56
C GLU A 31 18.92 -24.29 -1.59
N PHE A 32 18.92 -23.69 -2.79
CA PHE A 32 19.46 -22.36 -3.00
C PHE A 32 18.51 -21.56 -3.88
N THR A 33 18.63 -20.24 -3.78
CA THR A 33 17.79 -19.32 -4.53
C THR A 33 18.24 -19.28 -5.99
N VAL A 34 17.64 -18.39 -6.79
CA VAL A 34 18.16 -18.13 -8.12
C VAL A 34 19.58 -17.58 -8.02
N ASN A 35 19.76 -16.55 -7.19
CA ASN A 35 21.10 -16.17 -6.75
C ASN A 35 21.66 -17.32 -5.90
N GLY A 36 22.99 -17.37 -5.80
CA GLY A 36 23.59 -18.49 -5.10
C GLY A 36 23.34 -18.58 -3.61
N ASP A 37 22.46 -17.74 -3.05
CA ASP A 37 22.24 -17.76 -1.62
C ASP A 37 21.49 -19.03 -1.19
N PRO A 38 21.78 -19.56 0.00
CA PRO A 38 21.06 -20.74 0.48
C PRO A 38 19.70 -20.37 1.02
N VAL A 39 18.75 -21.30 0.85
CA VAL A 39 17.39 -21.11 1.33
C VAL A 39 17.34 -21.45 2.82
N LYS A 40 16.94 -20.48 3.63
CA LYS A 40 16.80 -20.69 5.07
C LYS A 40 15.44 -21.30 5.37
N LYS A 41 15.45 -22.43 6.09
CA LYS A 41 14.24 -23.16 6.40
C LYS A 41 14.09 -23.30 7.91
N VAL A 42 12.83 -23.43 8.35
CA VAL A 42 12.51 -23.66 9.75
C VAL A 42 11.58 -24.86 9.84
N ILE A 43 11.63 -25.55 10.98
CA ILE A 43 10.75 -26.68 11.21
C ILE A 43 9.40 -26.17 11.68
N CYS A 44 8.33 -26.66 11.07
CA CYS A 44 6.97 -26.25 11.38
C CYS A 44 6.09 -27.48 11.55
N THR A 45 5.76 -27.79 12.81
CA THR A 45 4.86 -28.91 13.07
C THR A 45 3.47 -28.59 12.55
N GLY A 46 2.71 -29.64 12.28
CA GLY A 46 1.35 -29.49 11.80
C GLY A 46 0.87 -30.71 11.05
N PRO A 47 -0.37 -30.64 10.52
CA PRO A 47 -0.98 -31.75 9.77
C PRO A 47 -0.36 -31.92 8.39
N HIS A 57 -2.26 -36.42 11.37
CA HIS A 57 -1.11 -36.50 12.26
C HIS A 57 -0.27 -35.23 12.22
N THR A 58 0.33 -34.89 13.36
CA THR A 58 1.16 -33.70 13.49
C THR A 58 2.62 -34.13 13.45
N VAL A 59 3.26 -33.93 12.29
CA VAL A 59 4.64 -34.33 12.09
C VAL A 59 5.47 -33.08 11.77
N PRO A 60 6.76 -33.06 12.10
CA PRO A 60 7.58 -31.89 11.76
C PRO A 60 7.80 -31.79 10.26
N GLN A 61 7.67 -30.56 9.74
CA GLN A 61 7.81 -30.29 8.32
C GLN A 61 8.76 -29.11 8.11
N CYS A 62 9.01 -28.78 6.85
CA CYS A 62 9.97 -27.76 6.47
C CYS A 62 9.24 -26.54 5.93
N CYS A 63 9.43 -25.40 6.58
CA CYS A 63 8.81 -24.15 6.15
C CYS A 63 9.87 -23.16 5.68
N TYR A 64 9.58 -22.50 4.56
CA TYR A 64 10.46 -21.49 3.98
C TYR A 64 9.66 -20.67 2.98
N GLY A 65 10.10 -19.46 2.75
CA GLY A 65 9.44 -18.60 1.79
C GLY A 65 9.49 -17.15 2.24
N PHE A 66 8.57 -16.36 1.67
CA PHE A 66 8.52 -14.93 1.95
C PHE A 66 8.34 -14.66 3.45
N CYS A 67 7.23 -15.14 4.01
CA CYS A 67 6.92 -14.86 5.40
C CYS A 67 7.97 -15.46 6.34
N ILE A 68 8.51 -16.63 5.98
CA ILE A 68 9.55 -17.25 6.81
C ILE A 68 10.78 -16.37 6.84
N ASP A 69 11.25 -15.92 5.66
CA ASP A 69 12.36 -14.99 5.61
C ASP A 69 12.03 -13.71 6.38
N LEU A 70 10.81 -13.21 6.25
CA LEU A 70 10.39 -12.06 7.03
C LEU A 70 10.39 -12.39 8.52
N LEU A 71 10.00 -13.61 8.88
CA LEU A 71 10.02 -14.01 10.28
C LEU A 71 11.44 -14.05 10.82
N ILE A 72 12.37 -14.59 10.04
CA ILE A 72 13.76 -14.69 10.49
C ILE A 72 14.34 -13.30 10.71
N LYS A 73 14.10 -12.38 9.77
CA LYS A 73 14.58 -11.02 9.94
C LYS A 73 13.89 -10.32 11.11
N LEU A 74 12.58 -10.52 11.25
CA LEU A 74 11.87 -9.96 12.40
C LEU A 74 12.38 -10.58 13.70
N ALA A 75 12.68 -11.87 13.69
CA ALA A 75 13.16 -12.53 14.91
C ALA A 75 14.52 -12.00 15.33
N ARG A 76 15.31 -11.51 14.39
CA ARG A 76 16.64 -10.99 14.72
C ARG A 76 16.63 -9.49 15.02
N THR A 77 15.73 -8.73 14.39
CA THR A 77 15.68 -7.30 14.61
C THR A 77 15.31 -6.97 16.04
N MET A 78 14.18 -7.48 16.52
CA MET A 78 13.76 -7.27 17.89
C MET A 78 14.26 -8.35 18.83
N ASN A 79 15.00 -9.34 18.32
CA ASN A 79 15.57 -10.42 19.12
C ASN A 79 14.50 -11.16 19.92
N PHE A 80 13.84 -12.13 19.28
CA PHE A 80 12.99 -13.06 20.00
C PHE A 80 13.21 -14.46 19.45
N THR A 81 12.80 -15.45 20.23
CA THR A 81 12.81 -16.84 19.82
C THR A 81 11.40 -17.26 19.43
N TYR A 82 11.31 -18.19 18.48
CA TYR A 82 10.03 -18.51 17.86
C TYR A 82 9.91 -20.01 17.62
N GLU A 83 8.65 -20.48 17.60
CA GLU A 83 8.32 -21.84 17.20
C GLU A 83 7.17 -21.75 16.20
N VAL A 84 7.40 -22.21 14.98
CA VAL A 84 6.43 -22.11 13.90
C VAL A 84 5.63 -23.39 13.82
N HIS A 85 4.30 -23.26 13.66
CA HIS A 85 3.43 -24.39 13.46
C HIS A 85 2.32 -24.00 12.50
N LEU A 86 1.97 -24.93 11.62
CA LEU A 86 0.88 -24.69 10.68
C LEU A 86 -0.45 -24.70 11.43
N VAL A 87 -1.40 -23.90 10.93
CA VAL A 87 -2.69 -23.79 11.58
C VAL A 87 -3.45 -25.10 11.44
N ALA A 88 -4.11 -25.52 12.53
CA ALA A 88 -4.70 -26.86 12.58
C ALA A 88 -5.76 -27.05 11.50
N ASP A 89 -6.85 -26.28 11.58
CA ASP A 89 -7.93 -26.43 10.61
C ASP A 89 -7.56 -25.96 9.21
N GLY A 90 -6.41 -25.30 9.05
CA GLY A 90 -5.96 -24.88 7.75
C GLY A 90 -6.70 -23.69 7.17
N LYS A 91 -7.35 -22.88 8.00
CA LYS A 91 -8.10 -21.72 7.53
C LYS A 91 -7.35 -20.44 7.89
N PHE A 92 -7.72 -19.36 7.21
CA PHE A 92 -7.15 -18.05 7.53
C PHE A 92 -7.87 -17.42 8.71
N GLY A 93 -9.19 -17.57 8.78
CA GLY A 93 -9.96 -16.99 9.87
C GLY A 93 -11.21 -16.28 9.41
N THR A 94 -12.38 -16.86 9.72
CA THR A 94 -13.65 -16.27 9.38
C THR A 94 -14.54 -16.23 10.61
N GLN A 95 -15.60 -15.43 10.52
CA GLN A 95 -16.60 -15.32 11.58
C GLN A 95 -17.71 -16.33 11.28
N GLU A 96 -17.67 -17.47 11.95
CA GLU A 96 -18.67 -18.52 11.73
C GLU A 96 -19.59 -18.67 12.94
N LYS A 103 -21.84 -15.83 20.06
CA LYS A 103 -22.45 -16.78 19.12
C LYS A 103 -21.57 -16.95 17.88
N LYS A 104 -20.72 -15.98 17.61
CA LYS A 104 -19.76 -16.03 16.52
C LYS A 104 -18.37 -16.26 17.08
N GLU A 105 -17.60 -17.10 16.39
CA GLU A 105 -16.26 -17.45 16.83
C GLU A 105 -15.35 -17.60 15.63
N TRP A 106 -14.09 -17.17 15.78
CA TRP A 106 -13.12 -17.27 14.72
C TRP A 106 -12.53 -18.66 14.64
N ASN A 107 -12.17 -19.07 13.43
CA ASN A 107 -11.43 -20.29 13.18
C ASN A 107 -10.06 -19.93 12.60
N GLY A 108 -9.33 -20.94 12.14
CA GLY A 108 -8.06 -20.70 11.49
C GLY A 108 -7.06 -19.98 12.38
N MET A 109 -6.18 -19.22 11.75
CA MET A 109 -5.14 -18.51 12.48
C MET A 109 -5.73 -17.39 13.33
N MET A 110 -6.88 -16.85 12.94
CA MET A 110 -7.55 -15.84 13.76
C MET A 110 -7.98 -16.44 15.10
N GLY A 111 -8.59 -17.62 15.06
CA GLY A 111 -9.01 -18.26 16.30
C GLY A 111 -7.83 -18.69 17.16
N GLU A 112 -6.76 -19.17 16.53
CA GLU A 112 -5.61 -19.61 17.30
C GLU A 112 -4.87 -18.45 17.95
N LEU A 113 -4.89 -17.27 17.31
CA LEU A 113 -4.25 -16.11 17.92
C LEU A 113 -5.04 -15.63 19.14
N LEU A 114 -6.36 -15.52 18.99
CA LEU A 114 -7.20 -15.01 20.08
C LEU A 114 -7.33 -16.02 21.22
N SER A 115 -7.29 -17.31 20.91
CA SER A 115 -7.41 -18.32 21.96
C SER A 115 -6.14 -18.43 22.78
N GLY A 116 -4.98 -18.16 22.20
CA GLY A 116 -3.71 -18.26 22.90
C GLY A 116 -2.76 -19.30 22.32
N GLN A 117 -3.19 -20.10 21.33
CA GLN A 117 -2.31 -21.08 20.73
C GLN A 117 -1.17 -20.42 19.95
N ALA A 118 -1.30 -19.14 19.63
CA ALA A 118 -0.26 -18.40 18.93
C ALA A 118 -0.15 -17.00 19.51
N ASP A 119 1.07 -16.49 19.58
CA ASP A 119 1.32 -15.13 20.05
C ASP A 119 1.42 -14.13 18.92
N MET A 120 1.56 -14.59 17.68
CA MET A 120 1.78 -13.73 16.53
C MET A 120 1.55 -14.54 15.26
N ILE A 121 0.91 -13.93 14.28
CA ILE A 121 0.62 -14.56 12.99
C ILE A 121 1.55 -13.95 11.95
N VAL A 122 2.36 -14.80 11.34
CA VAL A 122 3.20 -14.41 10.20
C VAL A 122 2.73 -15.25 9.02
N ALA A 123 1.83 -14.67 8.22
CA ALA A 123 1.20 -15.38 7.11
C ALA A 123 0.62 -14.36 6.16
N PRO A 124 0.35 -14.74 4.91
CA PRO A 124 -0.33 -13.83 3.99
C PRO A 124 -1.76 -13.54 4.41
N LEU A 125 -1.91 -12.79 5.51
CA LEU A 125 -3.21 -12.55 6.12
C LEU A 125 -3.74 -11.20 5.66
N THR A 126 -4.89 -11.21 5.00
CA THR A 126 -5.48 -9.98 4.48
C THR A 126 -5.95 -9.09 5.63
N ILE A 127 -5.62 -7.81 5.55
CA ILE A 127 -6.11 -6.83 6.51
C ILE A 127 -7.50 -6.39 6.07
N ASN A 128 -8.49 -6.57 6.96
CA ASN A 128 -9.84 -6.12 6.69
C ASN A 128 -10.46 -5.62 7.99
N ASN A 129 -11.69 -5.13 7.90
CA ASN A 129 -12.33 -4.49 9.04
C ASN A 129 -12.73 -5.50 10.10
N GLU A 130 -13.31 -6.63 9.69
CA GLU A 130 -13.82 -7.60 10.66
C GLU A 130 -12.71 -8.14 11.55
N ARG A 131 -11.54 -8.41 10.96
CA ARG A 131 -10.43 -8.96 11.75
C ARG A 131 -9.84 -7.90 12.68
N ALA A 132 -9.82 -6.63 12.25
CA ALA A 132 -9.24 -5.58 13.07
C ALA A 132 -10.06 -5.26 14.31
N GLN A 133 -11.33 -5.70 14.34
CA GLN A 133 -12.15 -5.49 15.52
C GLN A 133 -11.83 -6.48 16.64
N TYR A 134 -11.04 -7.52 16.35
CA TYR A 134 -10.62 -8.48 17.35
C TYR A 134 -9.11 -8.48 17.56
N ILE A 135 -8.34 -8.67 16.50
CA ILE A 135 -6.88 -8.64 16.59
C ILE A 135 -6.39 -7.27 16.15
N GLU A 136 -5.11 -7.17 15.81
CA GLU A 136 -4.57 -5.92 15.29
C GLU A 136 -3.36 -6.23 14.42
N PHE A 137 -3.35 -5.67 13.21
CA PHE A 137 -2.29 -5.92 12.25
C PHE A 137 -1.14 -4.92 12.39
N SER A 138 -0.01 -5.28 11.81
CA SER A 138 1.09 -4.35 11.65
C SER A 138 0.86 -3.51 10.39
N LYS A 139 1.77 -2.58 10.12
CA LYS A 139 1.77 -1.91 8.83
C LYS A 139 1.99 -2.94 7.72
N PRO A 140 1.38 -2.75 6.56
CA PRO A 140 1.39 -3.81 5.54
C PRO A 140 2.79 -4.11 5.05
N PHE A 141 3.20 -5.37 5.23
CA PHE A 141 4.48 -5.81 4.69
C PHE A 141 4.39 -6.23 3.22
N LYS A 142 3.18 -6.36 2.69
CA LYS A 142 2.99 -6.74 1.30
C LYS A 142 1.74 -6.05 0.77
N TYR A 143 1.87 -5.41 -0.39
CA TYR A 143 0.76 -4.73 -1.05
C TYR A 143 0.45 -5.46 -2.33
N GLN A 144 -0.83 -5.75 -2.56
CA GLN A 144 -1.25 -6.36 -3.82
C GLN A 144 -2.75 -6.18 -3.98
N GLY A 145 -3.31 -6.85 -4.99
CA GLY A 145 -4.74 -6.83 -5.25
C GLY A 145 -5.20 -8.07 -5.99
N LEU A 146 -6.00 -7.87 -7.04
CA LEU A 146 -6.51 -8.98 -7.85
C LEU A 146 -6.12 -8.76 -9.30
N THR A 147 -5.81 -9.87 -9.99
CA THR A 147 -5.52 -9.85 -11.41
C THR A 147 -6.32 -10.95 -12.10
N ILE A 148 -6.23 -10.98 -13.42
CA ILE A 148 -6.96 -11.93 -14.24
C ILE A 148 -5.96 -12.85 -14.93
N LEU A 149 -6.29 -14.14 -14.97
CA LEU A 149 -5.40 -15.18 -15.49
C LEU A 149 -6.04 -15.79 -16.73
N VAL A 150 -5.44 -15.53 -17.90
CA VAL A 150 -5.93 -16.06 -19.16
C VAL A 150 -4.75 -16.67 -19.92
N LYS A 151 -5.07 -17.62 -20.80
CA LYS A 151 -4.08 -18.20 -21.70
C LYS A 151 -3.56 -17.16 -22.67
N THR A 154 -4.72 -13.49 -25.37
CA THR A 154 -5.95 -12.83 -24.95
C THR A 154 -5.64 -11.56 -24.15
N ARG A 155 -6.41 -10.50 -24.40
CA ARG A 155 -6.20 -9.20 -23.78
C ARG A 155 -7.40 -8.84 -22.91
N ILE A 156 -7.14 -8.34 -21.71
CA ILE A 156 -8.17 -7.83 -20.79
C ILE A 156 -7.60 -6.62 -20.07
N THR A 157 -8.40 -5.54 -20.00
CA THR A 157 -7.92 -4.31 -19.38
C THR A 157 -8.01 -4.36 -17.86
N GLY A 158 -8.94 -5.14 -17.33
CA GLY A 158 -9.11 -5.27 -15.90
C GLY A 158 -10.57 -5.46 -15.57
N ILE A 159 -10.92 -5.07 -14.35
CA ILE A 159 -12.30 -5.23 -13.88
C ILE A 159 -13.27 -4.38 -14.71
N ASN A 160 -12.79 -3.31 -15.34
CA ASN A 160 -13.64 -2.42 -16.12
C ASN A 160 -13.68 -2.79 -17.60
N ASP A 161 -13.14 -3.94 -17.97
CA ASP A 161 -13.18 -4.36 -19.37
C ASP A 161 -14.60 -4.68 -19.78
N PRO A 162 -15.01 -4.32 -21.00
CA PRO A 162 -16.41 -4.54 -21.41
C PRO A 162 -16.82 -6.01 -21.46
N ARG A 163 -15.86 -6.92 -21.65
CA ARG A 163 -16.22 -8.33 -21.78
C ARG A 163 -16.57 -8.98 -20.44
N LEU A 164 -16.10 -8.41 -19.32
CA LEU A 164 -16.59 -8.82 -18.02
C LEU A 164 -17.73 -7.93 -17.53
N ARG A 165 -17.71 -6.66 -17.89
CA ARG A 165 -18.76 -5.73 -17.48
C ARG A 165 -20.10 -6.12 -18.09
N ASN A 166 -20.11 -6.48 -19.37
CA ASN A 166 -21.31 -6.95 -20.05
C ASN A 166 -21.12 -8.42 -20.37
N PRO A 167 -21.45 -9.33 -19.45
CA PRO A 167 -21.06 -10.72 -19.61
C PRO A 167 -21.84 -11.43 -20.72
N SER A 168 -21.15 -12.36 -21.37
CA SER A 168 -21.77 -13.29 -22.30
C SER A 168 -21.09 -14.64 -22.14
N ASP A 169 -21.72 -15.68 -22.70
CA ASP A 169 -21.12 -17.00 -22.68
C ASP A 169 -20.01 -17.18 -23.70
N LYS A 170 -19.64 -16.11 -24.41
CA LYS A 170 -18.50 -16.16 -25.32
C LYS A 170 -17.18 -16.01 -24.58
N PHE A 171 -17.18 -15.29 -23.46
CA PHE A 171 -16.00 -15.09 -22.63
C PHE A 171 -16.40 -15.40 -21.19
N ILE A 172 -15.98 -16.55 -20.69
CA ILE A 172 -16.37 -17.04 -19.37
C ILE A 172 -15.35 -16.61 -18.34
N TYR A 173 -15.83 -16.17 -17.18
CA TYR A 173 -14.95 -15.77 -16.08
C TYR A 173 -15.64 -16.03 -14.76
N ALA A 174 -14.85 -16.37 -13.75
CA ALA A 174 -15.38 -16.71 -12.43
C ALA A 174 -14.22 -16.71 -11.45
N THR A 175 -14.49 -17.18 -10.23
CA THR A 175 -13.50 -17.30 -9.18
C THR A 175 -13.81 -18.57 -8.40
N VAL A 176 -13.11 -18.76 -7.27
CA VAL A 176 -13.42 -19.88 -6.39
C VAL A 176 -14.70 -19.56 -5.62
N LYS A 177 -15.59 -20.55 -5.52
CA LYS A 177 -16.86 -20.34 -4.85
C LYS A 177 -16.64 -20.14 -3.36
N GLN A 178 -17.39 -19.21 -2.77
CA GLN A 178 -17.32 -18.83 -1.36
C GLN A 178 -15.93 -18.34 -0.96
N SER A 179 -15.07 -18.04 -1.92
CA SER A 179 -13.73 -17.57 -1.62
C SER A 179 -13.77 -16.12 -1.17
N SER A 180 -12.60 -15.64 -0.70
CA SER A 180 -12.49 -14.26 -0.27
C SER A 180 -12.85 -13.29 -1.41
N VAL A 181 -12.61 -13.70 -2.65
CA VAL A 181 -12.98 -12.88 -3.80
C VAL A 181 -14.48 -12.99 -4.06
N ASP A 182 -15.01 -14.22 -4.06
CA ASP A 182 -16.43 -14.41 -4.32
C ASP A 182 -17.28 -13.76 -3.25
N ILE A 183 -16.90 -13.92 -1.98
CA ILE A 183 -17.65 -13.31 -0.88
C ILE A 183 -17.76 -11.80 -1.07
N TYR A 184 -16.68 -11.18 -1.56
CA TYR A 184 -16.66 -9.74 -1.72
C TYR A 184 -17.39 -9.30 -2.99
N PHE A 185 -17.27 -10.07 -4.07
CA PHE A 185 -17.96 -9.71 -5.31
C PHE A 185 -19.47 -9.68 -5.11
N ARG A 186 -20.01 -10.67 -4.39
CA ARG A 186 -21.43 -10.65 -4.06
C ARG A 186 -21.78 -9.46 -3.18
N ARG A 187 -20.88 -9.09 -2.28
CA ARG A 187 -21.12 -8.02 -1.32
C ARG A 187 -21.40 -6.68 -2.01
N GLN A 188 -20.87 -6.47 -3.21
CA GLN A 188 -21.04 -5.20 -3.90
C GLN A 188 -22.24 -5.25 -4.84
N VAL A 189 -23.10 -4.24 -4.74
CA VAL A 189 -24.30 -4.18 -5.58
C VAL A 189 -23.92 -3.84 -7.01
N GLU A 190 -22.99 -2.91 -7.20
CA GLU A 190 -22.60 -2.46 -8.54
C GLU A 190 -22.19 -3.63 -9.44
N LEU A 191 -21.66 -4.70 -8.85
CA LEU A 191 -21.20 -5.86 -9.62
C LEU A 191 -22.26 -6.96 -9.71
N SER A 192 -23.55 -6.60 -9.62
CA SER A 192 -24.60 -7.60 -9.58
C SER A 192 -24.64 -8.42 -10.87
N THR A 193 -24.92 -7.77 -12.00
CA THR A 193 -25.01 -8.49 -13.28
C THR A 193 -23.69 -9.19 -13.60
N MET A 194 -22.57 -8.56 -13.25
CA MET A 194 -21.27 -9.19 -13.48
C MET A 194 -21.09 -10.42 -12.60
N TYR A 195 -21.48 -10.32 -11.33
CA TYR A 195 -21.27 -11.43 -10.40
C TYR A 195 -22.21 -12.59 -10.69
N ARG A 196 -23.43 -12.30 -11.14
CA ARG A 196 -24.38 -13.37 -11.44
C ARG A 196 -23.83 -14.30 -12.51
N HIS A 197 -23.13 -13.75 -13.50
CA HIS A 197 -22.47 -14.60 -14.49
C HIS A 197 -21.39 -15.46 -13.85
N MET A 198 -20.68 -14.91 -12.86
CA MET A 198 -19.62 -15.67 -12.21
C MET A 198 -20.19 -16.78 -11.33
N GLU A 199 -21.29 -16.49 -10.61
CA GLU A 199 -21.88 -17.47 -9.71
C GLU A 199 -22.21 -18.76 -10.43
N LYS A 200 -22.63 -18.68 -11.70
CA LYS A 200 -22.93 -19.88 -12.46
C LYS A 200 -21.67 -20.59 -12.96
N HIS A 201 -20.49 -19.97 -12.81
CA HIS A 201 -19.26 -20.53 -13.32
C HIS A 201 -18.19 -20.73 -12.25
N ASN A 202 -18.51 -20.50 -10.98
CA ASN A 202 -17.51 -20.61 -9.93
C ASN A 202 -17.07 -22.06 -9.73
N TYR A 203 -15.82 -22.22 -9.30
CA TYR A 203 -15.20 -23.53 -9.14
C TYR A 203 -14.95 -23.82 -7.66
N GLU A 204 -14.56 -25.07 -7.39
CA GLU A 204 -14.39 -25.52 -6.01
C GLU A 204 -13.06 -25.02 -5.43
N SER A 205 -11.97 -25.18 -6.17
CA SER A 205 -10.65 -24.79 -5.72
C SER A 205 -9.99 -23.90 -6.76
N ALA A 206 -8.81 -23.39 -6.41
CA ALA A 206 -8.06 -22.57 -7.36
C ALA A 206 -7.40 -23.43 -8.42
N ALA A 207 -6.87 -24.59 -8.03
CA ALA A 207 -6.19 -25.46 -8.98
C ALA A 207 -7.14 -25.99 -10.05
N GLU A 208 -8.43 -26.10 -9.74
CA GLU A 208 -9.40 -26.51 -10.75
C GLU A 208 -9.62 -25.41 -11.78
N ALA A 209 -9.75 -24.17 -11.32
CA ALA A 209 -10.00 -23.07 -12.25
C ALA A 209 -8.79 -22.82 -13.15
N ILE A 210 -7.57 -22.85 -12.58
CA ILE A 210 -6.38 -22.65 -13.40
C ILE A 210 -6.25 -23.76 -14.43
N GLN A 211 -6.69 -24.97 -14.11
CA GLN A 211 -6.74 -26.03 -15.10
C GLN A 211 -7.88 -25.83 -16.10
N ALA A 212 -8.98 -25.20 -15.65
CA ALA A 212 -10.06 -24.89 -16.57
C ALA A 212 -9.63 -23.86 -17.61
N VAL A 213 -8.82 -22.88 -17.19
CA VAL A 213 -8.26 -21.91 -18.14
C VAL A 213 -7.33 -22.62 -19.11
N ARG A 214 -6.58 -23.61 -18.63
CA ARG A 214 -5.64 -24.31 -19.50
C ARG A 214 -6.36 -25.26 -20.44
N ASP A 215 -7.40 -25.94 -19.97
CA ASP A 215 -8.18 -26.86 -20.79
C ASP A 215 -9.35 -26.16 -21.48
N ASN A 216 -9.38 -24.83 -21.47
CA ASN A 216 -10.21 -24.03 -22.37
C ASN A 216 -11.70 -24.18 -22.08
N LYS A 217 -12.06 -24.25 -20.80
CA LYS A 217 -13.45 -24.18 -20.36
C LYS A 217 -13.74 -22.95 -19.53
N LEU A 218 -12.72 -22.22 -19.12
CA LEU A 218 -12.85 -20.94 -18.42
C LEU A 218 -11.91 -19.94 -19.09
N HIS A 219 -12.45 -18.78 -19.47
CA HIS A 219 -11.68 -17.80 -20.21
C HIS A 219 -11.01 -16.74 -19.33
N ALA A 220 -11.31 -16.71 -18.04
CA ALA A 220 -10.66 -15.77 -17.14
C ALA A 220 -10.89 -16.23 -15.71
N PHE A 221 -9.87 -16.02 -14.87
CA PHE A 221 -9.90 -16.44 -13.47
C PHE A 221 -9.47 -15.27 -12.60
N ILE A 222 -10.40 -14.72 -11.84
CA ILE A 222 -10.12 -13.61 -10.94
C ILE A 222 -9.65 -14.19 -9.61
N TRP A 223 -8.41 -13.87 -9.24
CA TRP A 223 -7.83 -14.41 -8.01
C TRP A 223 -6.70 -13.48 -7.57
N ASP A 224 -6.07 -13.84 -6.45
CA ASP A 224 -4.99 -13.03 -5.91
C ASP A 224 -3.84 -12.92 -6.90
N SER A 225 -3.26 -11.71 -6.98
CA SER A 225 -2.23 -11.46 -7.98
C SER A 225 -0.96 -12.25 -7.72
N ALA A 226 -0.53 -12.31 -6.46
CA ALA A 226 0.70 -13.04 -6.14
C ALA A 226 0.59 -14.52 -6.48
N VAL A 227 -0.59 -15.11 -6.27
CA VAL A 227 -0.76 -16.53 -6.56
C VAL A 227 -0.77 -16.77 -8.05
N LEU A 228 -1.20 -15.78 -8.84
CA LEU A 228 -1.32 -15.92 -10.29
C LEU A 228 -0.08 -15.45 -11.04
N GLU A 229 0.58 -14.38 -10.58
CA GLU A 229 1.89 -14.05 -11.12
C GLU A 229 2.88 -15.18 -10.88
N PHE A 230 2.71 -15.91 -9.77
CA PHE A 230 3.57 -17.05 -9.47
C PHE A 230 3.21 -18.25 -10.35
N GLU A 231 1.92 -18.52 -10.53
CA GLU A 231 1.49 -19.68 -11.31
C GLU A 231 1.80 -19.52 -12.80
N ALA A 232 1.92 -18.28 -13.29
CA ALA A 232 2.24 -18.07 -14.70
C ALA A 232 3.62 -18.60 -15.04
N SER A 233 4.55 -18.51 -14.10
CA SER A 233 5.92 -19.01 -14.31
C SER A 233 5.94 -20.54 -14.38
N LEU A 238 -0.35 -19.17 -19.87
CA LEU A 238 -1.04 -18.38 -18.85
C LEU A 238 -0.24 -17.13 -18.49
N VAL A 239 -0.88 -15.97 -18.61
CA VAL A 239 -0.24 -14.68 -18.34
C VAL A 239 -1.29 -13.74 -17.74
N THR A 240 -0.85 -12.91 -16.79
CA THR A 240 -1.75 -11.95 -16.17
C THR A 240 -2.09 -10.83 -17.15
N THR A 241 -3.24 -10.20 -16.91
CA THR A 241 -3.76 -9.18 -17.81
C THR A 241 -4.27 -7.99 -17.01
N GLY A 242 -4.11 -6.81 -17.60
CA GLY A 242 -4.69 -5.58 -17.07
C GLY A 242 -4.07 -5.14 -15.76
N GLU A 243 -4.58 -4.02 -15.27
CA GLU A 243 -4.15 -3.50 -13.98
C GLU A 243 -4.90 -4.20 -12.86
N LEU A 244 -4.31 -4.14 -11.67
CA LEU A 244 -4.90 -4.79 -10.50
C LEU A 244 -6.12 -4.01 -10.02
N PHE A 245 -7.03 -4.73 -9.35
CA PHE A 245 -8.26 -4.15 -8.84
C PHE A 245 -8.54 -4.71 -7.46
N PHE A 246 -9.24 -3.93 -6.64
CA PHE A 246 -9.57 -4.28 -5.26
C PHE A 246 -8.31 -4.61 -4.47
N ARG A 247 -7.56 -3.55 -4.16
CA ARG A 247 -6.28 -3.71 -3.50
C ARG A 247 -6.45 -4.22 -2.07
N SER A 248 -5.50 -5.01 -1.63
CA SER A 248 -5.52 -5.58 -0.29
C SER A 248 -4.10 -5.88 0.15
N GLY A 249 -3.83 -5.66 1.44
CA GLY A 249 -2.49 -5.83 1.98
C GLY A 249 -2.43 -6.84 3.09
N PHE A 250 -1.21 -7.28 3.40
CA PHE A 250 -0.98 -8.27 4.45
C PHE A 250 -0.19 -7.65 5.59
N GLY A 251 -0.60 -7.97 6.82
CA GLY A 251 0.09 -7.48 7.98
C GLY A 251 0.36 -8.60 8.97
N ILE A 252 1.28 -8.32 9.89
CA ILE A 252 1.58 -9.26 10.96
C ILE A 252 0.44 -9.23 11.97
N GLY A 253 -0.12 -10.41 12.26
CA GLY A 253 -1.26 -10.50 13.14
C GLY A 253 -0.86 -10.74 14.58
N MET A 254 -1.36 -9.89 15.47
CA MET A 254 -1.15 -10.03 16.92
C MET A 254 -2.40 -9.57 17.65
N ARG A 255 -2.45 -9.87 18.93
CA ARG A 255 -3.51 -9.34 19.79
C ARG A 255 -3.20 -7.90 20.17
N LYS A 256 -4.27 -7.14 20.42
CA LYS A 256 -4.11 -5.72 20.75
C LYS A 256 -3.44 -5.49 22.10
N ASP A 257 -3.14 -6.55 22.85
CA ASP A 257 -2.38 -6.45 24.09
C ASP A 257 -0.92 -6.83 23.92
N SER A 258 -0.43 -6.91 22.69
CA SER A 258 0.93 -7.34 22.43
C SER A 258 1.90 -6.20 22.69
N PRO A 259 2.86 -6.35 23.61
CA PRO A 259 3.82 -5.25 23.83
C PRO A 259 4.76 -5.01 22.67
N TRP A 260 5.06 -6.03 21.88
CA TRP A 260 6.05 -5.92 20.82
C TRP A 260 5.53 -5.18 19.60
N LYS A 261 4.21 -5.18 19.38
CA LYS A 261 3.66 -4.88 18.07
C LYS A 261 3.98 -3.47 17.57
N GLN A 262 4.29 -2.54 18.47
CA GLN A 262 4.74 -1.22 18.05
C GLN A 262 5.91 -1.34 17.08
N ASN A 263 7.02 -1.87 17.57
CA ASN A 263 8.23 -2.02 16.77
C ASN A 263 8.07 -3.07 15.67
N VAL A 264 7.06 -3.94 15.75
CA VAL A 264 6.77 -4.84 14.65
C VAL A 264 6.43 -4.05 13.40
N SER A 265 5.60 -3.01 13.55
CA SER A 265 5.29 -2.14 12.42
C SER A 265 6.52 -1.32 12.02
N LEU A 266 7.24 -0.77 13.00
CA LEU A 266 8.42 0.04 12.69
C LEU A 266 9.46 -0.78 11.93
N SER A 267 9.59 -2.07 12.25
CA SER A 267 10.50 -2.92 11.49
C SER A 267 9.97 -3.18 10.08
N ILE A 268 8.65 -3.30 9.91
CA ILE A 268 8.09 -3.46 8.59
C ILE A 268 8.32 -2.20 7.76
N LEU A 269 8.08 -1.03 8.35
CA LEU A 269 8.38 0.22 7.67
C LEU A 269 9.87 0.34 7.40
N LYS A 270 10.71 -0.08 8.35
CA LYS A 270 12.15 -0.01 8.15
C LYS A 270 12.58 -0.90 7.00
N SER A 271 12.05 -2.12 6.94
CA SER A 271 12.47 -3.06 5.90
C SER A 271 11.97 -2.63 4.53
N HIS A 272 10.81 -1.97 4.46
CA HIS A 272 10.35 -1.41 3.19
C HIS A 272 11.32 -0.35 2.67
N GLU A 273 11.74 0.55 3.56
CA GLU A 273 12.52 1.72 3.12
C GLU A 273 13.96 1.36 2.81
N ASN A 274 14.57 0.42 3.55
CA ASN A 274 15.97 0.08 3.31
C ASN A 274 16.15 -0.91 2.17
N GLY A 275 15.08 -1.30 1.47
CA GLY A 275 15.18 -2.18 0.34
C GLY A 275 15.09 -3.66 0.65
N PHE A 276 14.85 -4.04 1.90
CA PHE A 276 14.77 -5.45 2.24
C PHE A 276 13.57 -6.11 1.57
N MET A 277 12.41 -5.45 1.60
CA MET A 277 11.23 -6.01 0.96
C MET A 277 11.40 -6.16 -0.54
N GLU A 278 12.23 -5.31 -1.15
CA GLU A 278 12.54 -5.48 -2.57
C GLU A 278 13.33 -6.77 -2.79
N ASP A 279 14.32 -7.04 -1.93
CA ASP A 279 15.09 -8.28 -2.04
C ASP A 279 14.19 -9.50 -1.86
N LEU A 280 13.20 -9.39 -0.96
CA LEU A 280 12.22 -10.47 -0.81
C LEU A 280 11.42 -10.66 -2.09
N ASP A 281 11.05 -9.56 -2.75
CA ASP A 281 10.29 -9.66 -3.99
C ASP A 281 11.12 -10.27 -5.10
N LYS A 282 12.38 -9.85 -5.22
CA LYS A 282 13.26 -10.40 -6.25
C LYS A 282 13.52 -11.89 -6.02
N THR A 283 13.51 -12.34 -4.77
CA THR A 283 13.88 -13.72 -4.46
C THR A 283 12.71 -14.68 -4.64
N TRP A 284 11.49 -14.25 -4.36
CA TRP A 284 10.35 -15.16 -4.31
C TRP A 284 9.30 -14.90 -5.37
N VAL A 285 8.99 -13.63 -5.65
CA VAL A 285 7.82 -13.28 -6.44
C VAL A 285 8.17 -13.05 -7.90
N ARG A 286 9.37 -12.55 -8.18
CA ARG A 286 9.76 -12.25 -9.55
C ARG A 286 10.74 -13.29 -10.09
N ASP B 3 -15.16 17.95 23.72
CA ASP B 3 -15.56 18.66 22.50
C ASP B 3 -15.43 17.73 21.29
N ASN B 4 -16.12 18.09 20.21
CA ASN B 4 -16.13 17.27 19.00
C ASN B 4 -15.72 18.06 17.75
N HIS B 5 -15.29 19.30 17.90
CA HIS B 5 -14.80 20.10 16.78
C HIS B 5 -13.30 19.91 16.67
N LEU B 6 -12.84 19.37 15.54
CA LEU B 6 -11.46 18.95 15.38
C LEU B 6 -10.70 19.91 14.48
N SER B 7 -9.44 20.14 14.82
CA SER B 7 -8.55 20.97 14.01
C SER B 7 -7.74 20.05 13.10
N ILE B 8 -7.99 20.13 11.79
CA ILE B 8 -7.40 19.24 10.81
C ILE B 8 -6.63 20.07 9.80
N VAL B 9 -5.39 19.67 9.54
CA VAL B 9 -4.52 20.36 8.59
C VAL B 9 -4.40 19.51 7.34
N THR B 10 -4.20 20.19 6.21
CA THR B 10 -4.03 19.51 4.92
C THR B 10 -3.02 20.30 4.09
N LEU B 11 -2.80 19.83 2.86
CA LEU B 11 -1.84 20.46 1.96
C LEU B 11 -2.26 20.16 0.53
N GLU B 12 -2.21 21.19 -0.32
CA GLU B 12 -2.66 21.03 -1.69
C GLU B 12 -1.70 20.14 -2.48
N GLU B 13 -2.25 19.11 -3.11
CA GLU B 13 -1.53 18.28 -4.08
C GLU B 13 -2.53 17.47 -4.91
N ALA B 14 -2.85 17.93 -6.11
CA ALA B 14 -3.78 17.23 -6.97
C ALA B 14 -3.25 15.83 -7.28
N PRO B 15 -4.14 14.84 -7.40
CA PRO B 15 -5.59 14.96 -7.30
C PRO B 15 -6.14 14.60 -5.92
N PHE B 16 -5.31 14.73 -4.89
CA PHE B 16 -5.71 14.33 -3.54
C PHE B 16 -6.23 15.48 -2.70
N VAL B 17 -5.67 16.67 -2.86
CA VAL B 17 -6.18 17.88 -2.22
C VAL B 17 -6.04 19.02 -3.22
N ILE B 18 -7.18 19.53 -3.70
CA ILE B 18 -7.21 20.64 -4.65
C ILE B 18 -7.82 21.84 -3.95
N VAL B 19 -7.19 23.01 -4.09
CA VAL B 19 -7.65 24.24 -3.48
C VAL B 19 -8.23 25.13 -4.57
N GLU B 20 -9.51 25.45 -4.45
CA GLU B 20 -10.18 26.36 -5.37
C GLU B 20 -10.55 27.65 -4.65
N ASP B 21 -10.53 28.75 -5.40
CA ASP B 21 -10.90 30.04 -4.84
C ASP B 21 -12.39 30.07 -4.52
N ILE B 22 -12.74 30.80 -3.46
CA ILE B 22 -14.14 30.89 -3.04
C ILE B 22 -14.94 31.75 -4.02
N ASP B 23 -16.17 31.32 -4.30
CA ASP B 23 -17.11 32.15 -5.01
C ASP B 23 -17.30 33.45 -4.23
N PRO B 24 -17.17 34.62 -4.85
CA PRO B 24 -17.30 35.87 -4.08
C PRO B 24 -18.61 35.97 -3.33
N LEU B 25 -19.72 35.71 -4.00
CA LEU B 25 -21.04 35.68 -3.38
C LEU B 25 -21.94 34.91 -4.35
N THR B 26 -22.42 33.73 -3.96
CA THR B 26 -22.34 33.15 -2.62
C THR B 26 -20.96 32.81 -2.07
N GLU B 27 -20.73 33.12 -0.79
CA GLU B 27 -19.51 32.68 -0.08
C GLU B 27 -19.78 31.33 0.56
N THR B 28 -19.87 30.32 -0.31
CA THR B 28 -20.10 28.94 0.09
C THR B 28 -19.28 28.03 -0.82
N CYS B 29 -18.85 26.89 -0.27
CA CYS B 29 -18.19 25.86 -1.06
C CYS B 29 -19.24 24.93 -1.64
N VAL B 30 -19.18 24.73 -2.96
CA VAL B 30 -20.26 24.11 -3.71
C VAL B 30 -19.85 22.72 -4.19
N ARG B 31 -20.86 21.91 -4.46
CA ARG B 31 -20.71 20.55 -5.02
C ARG B 31 -19.94 19.70 -4.02
N ASN B 32 -18.85 19.06 -4.40
CA ASN B 32 -18.13 18.12 -3.53
C ASN B 32 -16.96 18.84 -2.86
N THR B 33 -17.29 19.77 -1.97
CA THR B 33 -16.30 20.68 -1.44
C THR B 33 -16.53 20.94 0.04
N VAL B 34 -15.44 21.14 0.75
CA VAL B 34 -15.45 21.51 2.16
C VAL B 34 -14.73 22.85 2.30
N PRO B 35 -14.96 23.59 3.38
CA PRO B 35 -14.23 24.84 3.58
C PRO B 35 -12.85 24.61 4.15
N CYS B 36 -11.89 25.39 3.67
CA CYS B 36 -10.51 25.29 4.11
C CYS B 36 -9.85 26.66 4.07
N ARG B 37 -9.28 27.08 5.19
CA ARG B 37 -8.69 28.40 5.35
C ARG B 37 -7.18 28.33 5.16
N LYS B 38 -6.62 29.38 4.56
CA LYS B 38 -5.18 29.48 4.37
C LYS B 38 -4.69 30.83 4.87
N PHE B 39 -3.66 30.80 5.71
CA PHE B 39 -3.09 32.01 6.28
C PHE B 39 -2.18 32.67 5.25
N VAL B 40 -2.54 33.88 4.82
CA VAL B 40 -1.80 34.62 3.80
C VAL B 40 -1.31 35.91 4.42
N LYS B 41 -0.01 36.17 4.30
CA LYS B 41 0.57 37.36 4.89
C LYS B 41 0.19 38.60 4.09
N ILE B 42 0.30 39.76 4.75
CA ILE B 42 -0.02 41.02 4.09
C ILE B 42 1.19 41.54 3.32
N ASN B 43 2.36 41.59 3.98
CA ASN B 43 3.60 41.97 3.34
C ASN B 43 4.72 41.11 3.89
N ASN B 44 5.94 41.40 3.48
CA ASN B 44 7.13 40.70 3.98
C ASN B 44 7.81 41.43 5.12
N SER B 45 7.38 42.65 5.43
CA SER B 45 7.99 43.39 6.55
C SER B 45 7.72 42.68 7.87
N THR B 46 6.46 42.32 8.12
CA THR B 46 6.07 41.62 9.34
C THR B 46 5.48 40.26 8.97
N ASN B 47 5.17 39.48 10.01
CA ASN B 47 4.54 38.18 9.85
C ASN B 47 3.04 38.24 10.03
N GLU B 48 2.45 39.44 10.03
CA GLU B 48 1.01 39.57 10.17
C GLU B 48 0.31 39.23 8.87
N GLY B 49 -0.82 38.52 9.00
CA GLY B 49 -1.58 38.11 7.84
C GLY B 49 -3.06 37.95 8.09
N MET B 50 -3.74 37.27 7.17
CA MET B 50 -5.18 37.03 7.29
C MET B 50 -5.46 35.56 6.93
N ASN B 51 -6.65 35.11 7.32
CA ASN B 51 -7.11 33.76 7.01
C ASN B 51 -8.08 33.84 5.84
N VAL B 52 -7.63 33.40 4.68
CA VAL B 52 -8.46 33.36 3.48
C VAL B 52 -9.21 32.04 3.48
N LYS B 53 -10.51 32.10 3.72
CA LYS B 53 -11.36 30.91 3.66
C LYS B 53 -11.58 30.53 2.20
N LYS B 54 -11.11 29.35 1.81
CA LYS B 54 -11.26 28.90 0.44
C LYS B 54 -12.06 27.62 0.37
N CYS B 55 -11.91 26.87 -0.71
CA CYS B 55 -12.68 25.64 -0.95
C CYS B 55 -11.72 24.53 -1.37
N CYS B 56 -11.88 23.36 -0.77
CA CYS B 56 -11.00 22.22 -1.00
C CYS B 56 -11.79 21.00 -1.47
N LYS B 57 -11.22 20.27 -2.42
CA LYS B 57 -11.80 19.04 -2.91
C LYS B 57 -10.68 18.07 -3.24
N GLY B 58 -11.04 16.83 -3.54
CA GLY B 58 -10.06 15.84 -3.93
C GLY B 58 -10.30 14.46 -3.36
N PHE B 59 -9.39 13.53 -3.67
CA PHE B 59 -9.49 12.16 -3.16
C PHE B 59 -9.48 12.15 -1.64
N CYS B 60 -8.46 12.76 -1.03
CA CYS B 60 -8.35 12.77 0.42
C CYS B 60 -9.46 13.58 1.07
N ILE B 61 -9.98 14.59 0.37
CA ILE B 61 -11.09 15.37 0.91
C ILE B 61 -12.33 14.50 1.06
N ASP B 62 -12.64 13.71 0.01
CA ASP B 62 -13.75 12.77 0.12
C ASP B 62 -13.49 11.74 1.22
N ILE B 63 -12.23 11.31 1.38
CA ILE B 63 -11.88 10.44 2.50
C ILE B 63 -12.16 11.15 3.82
N LEU B 64 -11.93 12.46 3.87
CA LEU B 64 -12.22 13.21 5.08
C LEU B 64 -13.72 13.31 5.34
N LYS B 65 -14.51 13.55 4.29
CA LYS B 65 -15.94 13.72 4.46
C LYS B 65 -16.59 12.44 4.98
N LYS B 66 -16.26 11.30 4.35
CA LYS B 66 -16.83 10.03 4.77
C LYS B 66 -16.38 9.66 6.18
N LEU B 67 -15.12 9.94 6.51
CA LEU B 67 -14.66 9.72 7.88
C LEU B 67 -15.39 10.62 8.87
N SER B 68 -15.65 11.87 8.49
CA SER B 68 -16.45 12.74 9.32
C SER B 68 -17.87 12.22 9.45
N ARG B 69 -18.35 11.48 8.46
CA ARG B 69 -19.71 10.96 8.48
C ARG B 69 -19.81 9.67 9.29
N THR B 70 -18.84 8.77 9.14
CA THR B 70 -18.89 7.50 9.84
C THR B 70 -18.44 7.65 11.31
N VAL B 71 -17.34 8.36 11.55
CA VAL B 71 -16.89 8.59 12.91
C VAL B 71 -17.70 9.69 13.59
N LYS B 72 -18.44 10.48 12.82
CA LYS B 72 -19.30 11.54 13.33
C LYS B 72 -18.51 12.59 14.11
N PHE B 73 -17.89 13.51 13.35
CA PHE B 73 -17.18 14.63 13.94
C PHE B 73 -17.23 15.81 12.98
N THR B 74 -16.98 16.99 13.52
CA THR B 74 -16.85 18.21 12.74
C THR B 74 -15.40 18.66 12.73
N TYR B 75 -15.06 19.55 11.80
CA TYR B 75 -13.68 19.94 11.61
C TYR B 75 -13.59 21.37 11.12
N ASP B 76 -12.44 21.98 11.38
CA ASP B 76 -12.04 23.28 10.83
C ASP B 76 -10.81 23.00 9.98
N LEU B 77 -11.01 22.68 8.72
CA LEU B 77 -9.90 22.33 7.84
C LEU B 77 -9.11 23.57 7.47
N TYR B 78 -7.78 23.44 7.45
CA TYR B 78 -6.91 24.54 7.05
C TYR B 78 -5.68 23.99 6.35
N LEU B 79 -5.03 24.86 5.57
CA LEU B 79 -3.86 24.50 4.80
C LEU B 79 -2.60 24.94 5.53
N VAL B 80 -1.61 24.05 5.58
CA VAL B 80 -0.36 24.35 6.28
C VAL B 80 0.44 25.37 5.47
N THR B 81 0.93 26.39 6.16
CA THR B 81 1.71 27.45 5.53
C THR B 81 3.15 27.50 6.04
N ASN B 82 3.54 26.62 6.95
CA ASN B 82 4.91 26.53 7.45
C ASN B 82 5.45 25.16 7.02
N GLY B 83 6.12 25.13 5.87
CA GLY B 83 6.55 23.88 5.31
C GLY B 83 5.49 23.26 4.43
N LYS B 84 5.64 21.97 4.19
CA LYS B 84 4.69 21.25 3.34
C LYS B 84 4.26 19.94 4.00
N HIS B 85 4.71 18.81 3.45
CA HIS B 85 4.29 17.51 3.99
C HIS B 85 4.86 17.29 5.38
N GLY B 86 6.11 17.67 5.61
CA GLY B 86 6.72 17.51 6.92
C GLY B 86 8.18 17.10 6.87
N LYS B 87 9.05 17.95 7.39
CA LYS B 87 10.48 17.65 7.49
C LYS B 87 10.98 18.07 8.86
N LYS B 88 11.88 17.28 9.43
CA LYS B 88 12.51 17.59 10.70
C LYS B 88 13.74 18.44 10.44
N VAL B 89 13.64 19.75 10.71
CA VAL B 89 14.74 20.68 10.50
C VAL B 89 15.30 21.05 11.87
N ASN B 90 16.57 20.73 12.08
CA ASN B 90 17.26 21.01 13.34
C ASN B 90 16.48 20.44 14.53
N ASN B 91 16.03 19.20 14.37
CA ASN B 91 15.31 18.45 15.40
C ASN B 91 13.94 19.06 15.71
N VAL B 92 13.36 19.78 14.75
CA VAL B 92 12.06 20.42 14.91
C VAL B 92 11.23 20.13 13.66
N TRP B 93 10.16 19.36 13.81
CA TRP B 93 9.32 19.00 12.68
C TRP B 93 8.50 20.19 12.20
N ASN B 94 8.38 20.32 10.89
CA ASN B 94 7.53 21.33 10.27
C ASN B 94 6.45 20.63 9.45
N GLY B 95 5.78 21.41 8.59
CA GLY B 95 4.78 20.86 7.71
C GLY B 95 3.60 20.26 8.45
N MET B 96 2.85 19.42 7.73
CA MET B 96 1.68 18.78 8.31
C MET B 96 2.05 17.94 9.52
N ILE B 97 3.17 17.21 9.43
CA ILE B 97 3.64 16.42 10.56
C ILE B 97 3.87 17.32 11.77
N GLY B 98 4.56 18.43 11.57
CA GLY B 98 4.79 19.37 12.66
C GLY B 98 3.50 19.93 13.23
N GLU B 99 2.49 20.14 12.38
CA GLU B 99 1.21 20.66 12.87
C GLU B 99 0.54 19.67 13.81
N VAL B 100 0.82 18.38 13.66
CA VAL B 100 0.26 17.37 14.56
C VAL B 100 1.13 17.19 15.79
N VAL B 101 2.45 17.17 15.62
CA VAL B 101 3.35 16.92 16.74
C VAL B 101 3.18 17.98 17.82
N TYR B 102 3.01 19.24 17.42
CA TYR B 102 2.93 20.34 18.36
C TYR B 102 1.49 20.74 18.69
N GLN B 103 0.54 19.83 18.44
CA GLN B 103 -0.83 19.93 18.93
C GLN B 103 -1.58 21.14 18.39
N ARG B 104 -1.19 21.60 17.19
CA ARG B 104 -1.98 22.60 16.49
C ARG B 104 -3.02 21.99 15.57
N ALA B 105 -2.94 20.68 15.33
CA ALA B 105 -3.94 19.96 14.53
C ALA B 105 -4.03 18.55 15.06
N VAL B 106 -5.27 18.11 15.37
CA VAL B 106 -5.45 16.79 15.94
C VAL B 106 -5.23 15.69 14.91
N MET B 107 -5.30 16.02 13.62
CA MET B 107 -5.01 15.04 12.58
C MET B 107 -4.70 15.77 11.28
N ALA B 108 -4.09 15.04 10.35
CA ALA B 108 -3.69 15.57 9.06
C ALA B 108 -4.16 14.63 7.96
N VAL B 109 -4.84 15.19 6.95
CA VAL B 109 -5.32 14.43 5.81
C VAL B 109 -4.69 15.01 4.55
N GLY B 110 -4.26 14.13 3.64
CA GLY B 110 -3.64 14.55 2.41
C GLY B 110 -2.75 13.45 1.86
N SER B 111 -1.84 13.85 0.98
CA SER B 111 -0.87 12.93 0.38
C SER B 111 0.34 12.77 1.30
N LEU B 112 0.07 12.26 2.49
CA LEU B 112 1.05 12.18 3.56
C LEU B 112 1.64 10.78 3.59
N THR B 113 2.91 10.65 3.20
CA THR B 113 3.55 9.35 3.10
C THR B 113 3.88 8.80 4.49
N ILE B 114 3.61 7.52 4.70
CA ILE B 114 3.94 6.83 5.94
C ILE B 114 5.36 6.28 5.84
N ASN B 115 6.25 6.80 6.68
CA ASN B 115 7.60 6.26 6.80
C ASN B 115 7.91 6.05 8.28
N GLU B 116 9.07 5.43 8.54
CA GLU B 116 9.41 5.07 9.92
C GLU B 116 9.63 6.30 10.78
N GLU B 117 10.42 7.26 10.30
CA GLU B 117 10.83 8.38 11.14
C GLU B 117 9.64 9.23 11.55
N ARG B 118 8.63 9.38 10.68
CA ARG B 118 7.44 10.13 11.06
C ARG B 118 6.58 9.36 12.05
N SER B 119 6.57 8.03 11.95
CA SER B 119 5.77 7.22 12.86
C SER B 119 6.28 7.30 14.29
N GLU B 120 7.54 7.68 14.50
CA GLU B 120 8.08 7.81 15.84
C GLU B 120 7.56 9.04 16.57
N VAL B 121 6.91 9.97 15.87
CA VAL B 121 6.36 11.17 16.50
C VAL B 121 4.87 11.34 16.27
N VAL B 122 4.26 10.65 15.29
CA VAL B 122 2.82 10.69 15.08
C VAL B 122 2.33 9.27 14.86
N ASP B 123 1.02 9.09 15.04
CA ASP B 123 0.36 7.82 14.77
C ASP B 123 -0.32 7.90 13.42
N PHE B 124 0.09 7.03 12.50
CA PHE B 124 -0.54 6.97 11.19
C PHE B 124 -1.67 5.96 11.19
N SER B 125 -2.71 6.26 10.42
CA SER B 125 -3.81 5.33 10.26
C SER B 125 -3.40 4.19 9.34
N VAL B 126 -4.35 3.28 9.10
CA VAL B 126 -4.15 2.27 8.05
C VAL B 126 -3.95 3.00 6.73
N PRO B 127 -2.94 2.63 5.92
CA PRO B 127 -2.74 3.32 4.65
C PRO B 127 -3.92 3.10 3.71
N PHE B 128 -4.43 4.19 3.15
CA PHE B 128 -5.60 4.15 2.28
C PHE B 128 -5.29 4.42 0.81
N VAL B 129 -4.05 4.79 0.48
CA VAL B 129 -3.62 4.97 -0.91
C VAL B 129 -2.22 4.38 -1.01
N GLU B 130 -2.07 3.29 -1.76
CA GLU B 130 -0.77 2.67 -1.94
C GLU B 130 0.14 3.58 -2.75
N THR B 131 1.38 3.74 -2.30
CA THR B 131 2.36 4.55 -3.01
C THR B 131 3.76 4.13 -2.58
N GLY B 132 4.75 4.93 -2.96
CA GLY B 132 6.14 4.66 -2.64
C GLY B 132 7.06 5.62 -3.37
N ILE B 133 8.15 5.11 -3.92
CA ILE B 133 9.11 5.90 -4.69
C ILE B 133 9.22 5.29 -6.07
N SER B 134 8.66 5.98 -7.07
CA SER B 134 8.74 5.54 -8.45
C SER B 134 9.61 6.50 -9.25
N VAL B 135 9.86 6.14 -10.51
CA VAL B 135 10.70 6.91 -11.41
C VAL B 135 9.91 7.19 -12.67
N MET B 136 9.88 8.46 -13.08
N MET B 136 9.89 8.46 -13.08
CA MET B 136 9.18 8.88 -14.29
CA MET B 136 9.19 8.91 -14.28
C MET B 136 10.19 9.39 -15.31
C MET B 136 10.21 9.39 -15.30
N VAL B 137 10.14 8.82 -16.51
CA VAL B 137 11.04 9.18 -17.60
C VAL B 137 10.22 9.37 -18.87
N SER B 138 10.87 9.95 -19.88
CA SER B 138 10.30 10.01 -21.21
C SER B 138 10.49 8.67 -21.91
N ARG B 139 9.71 8.46 -22.97
CA ARG B 139 9.74 7.18 -23.68
C ARG B 139 11.10 6.94 -24.31
N GLY B 140 11.65 5.75 -24.06
CA GLY B 140 12.97 5.37 -24.55
C GLY B 140 14.02 5.29 -23.46
N THR B 141 13.92 6.17 -22.46
CA THR B 141 14.87 6.14 -21.35
C THR B 141 14.79 4.82 -20.60
N GLN B 142 15.95 4.24 -20.30
CA GLN B 142 16.04 2.88 -19.80
C GLN B 142 16.77 2.85 -18.45
N VAL B 143 16.01 2.85 -17.36
CA VAL B 143 16.53 2.51 -16.04
C VAL B 143 15.54 1.54 -15.39
N THR B 144 16.05 0.76 -14.44
CA THR B 144 15.24 -0.26 -13.80
C THR B 144 14.46 0.25 -12.59
N GLY B 145 14.81 1.42 -12.07
CA GLY B 145 14.16 1.96 -10.91
C GLY B 145 15.15 2.76 -10.09
N LEU B 146 14.72 3.10 -8.87
CA LEU B 146 15.60 3.87 -7.98
C LEU B 146 16.84 3.07 -7.60
N SER B 147 16.71 1.75 -7.48
CA SER B 147 17.84 0.90 -7.12
C SER B 147 18.77 0.62 -8.29
N ASP B 148 18.51 1.21 -9.46
CA ASP B 148 19.40 1.04 -10.60
C ASP B 148 20.76 1.68 -10.31
N LYS B 149 21.82 1.05 -10.83
CA LYS B 149 23.16 1.56 -10.60
C LYS B 149 23.48 2.78 -11.46
N LYS B 150 22.64 3.10 -12.45
CA LYS B 150 22.78 4.38 -13.13
C LYS B 150 22.40 5.55 -12.22
N PHE B 151 21.67 5.28 -11.14
CA PHE B 151 21.36 6.27 -10.14
C PHE B 151 22.34 6.22 -8.96
N GLN B 152 22.67 5.02 -8.49
CA GLN B 152 23.58 4.90 -7.35
C GLN B 152 24.98 5.44 -7.69
N ARG B 153 25.43 5.23 -8.92
CA ARG B 153 26.75 5.65 -9.38
C ARG B 153 26.57 6.41 -10.69
N PRO B 154 26.16 7.69 -10.60
CA PRO B 154 25.84 8.42 -11.84
C PRO B 154 27.01 8.58 -12.79
N HIS B 155 28.23 8.79 -12.26
CA HIS B 155 29.39 8.98 -13.11
C HIS B 155 29.92 7.68 -13.70
N ASP B 156 29.34 6.53 -13.32
CA ASP B 156 29.73 5.26 -13.92
C ASP B 156 29.22 5.11 -15.35
N TYR B 157 28.40 6.04 -15.84
CA TYR B 157 27.81 5.96 -17.15
C TYR B 157 28.06 7.25 -17.92
N SER B 158 28.05 7.16 -19.24
CA SER B 158 28.36 8.31 -20.08
C SER B 158 27.32 8.54 -21.18
N PRO B 159 26.74 9.74 -21.22
CA PRO B 159 26.94 10.80 -20.22
C PRO B 159 26.19 10.51 -18.92
N PRO B 160 26.62 11.13 -17.82
CA PRO B 160 25.91 10.96 -16.55
C PRO B 160 24.43 11.30 -16.69
N PHE B 161 23.59 10.51 -16.01
CA PHE B 161 22.17 10.76 -16.02
C PHE B 161 21.83 12.05 -15.29
N ARG B 162 20.74 12.68 -15.70
CA ARG B 162 20.24 13.92 -15.09
C ARG B 162 18.89 13.61 -14.47
N PHE B 163 18.86 13.46 -13.15
CA PHE B 163 17.63 13.12 -12.44
C PHE B 163 17.57 13.90 -11.14
N GLY B 164 16.35 14.21 -10.71
CA GLY B 164 16.14 15.00 -9.51
C GLY B 164 14.86 14.63 -8.81
N THR B 165 14.57 15.34 -7.74
CA THR B 165 13.37 15.13 -6.95
C THR B 165 12.95 16.46 -6.34
N VAL B 166 11.76 16.47 -5.74
CA VAL B 166 11.28 17.60 -4.97
C VAL B 166 11.76 17.43 -3.52
N PRO B 167 12.63 18.30 -3.02
CA PRO B 167 13.28 18.03 -1.73
C PRO B 167 12.30 18.10 -0.57
N ASN B 168 12.84 17.79 0.61
CA ASN B 168 12.21 17.94 1.92
C ASN B 168 11.12 16.89 2.18
N GLY B 169 10.64 16.22 1.15
CA GLY B 169 9.60 15.21 1.31
C GLY B 169 10.17 13.89 1.81
N SER B 170 9.34 12.85 1.69
CA SER B 170 9.76 11.51 2.09
C SER B 170 10.67 10.86 1.07
N THR B 171 10.56 11.26 -0.20
CA THR B 171 11.37 10.65 -1.25
C THR B 171 12.83 11.07 -1.13
N GLU B 172 13.10 12.38 -1.14
CA GLU B 172 14.47 12.86 -0.96
C GLU B 172 15.04 12.40 0.37
N ARG B 173 14.19 12.29 1.39
CA ARG B 173 14.64 11.80 2.69
C ARG B 173 15.12 10.35 2.60
N ASN B 174 14.34 9.50 1.90
CA ASN B 174 14.72 8.10 1.77
C ASN B 174 16.02 7.94 1.00
N ILE B 175 16.18 8.68 -0.09
CA ILE B 175 17.42 8.62 -0.87
C ILE B 175 18.59 9.12 -0.04
N ARG B 176 18.34 10.03 0.89
CA ARG B 176 19.43 10.63 1.68
C ARG B 176 20.08 9.60 2.59
N ASN B 177 19.30 8.67 3.14
CA ASN B 177 19.84 7.67 4.06
C ASN B 177 20.18 6.36 3.36
N ASN B 178 19.59 6.08 2.21
CA ASN B 178 19.90 4.84 1.49
C ASN B 178 21.09 5.00 0.55
N TYR B 179 21.18 6.13 -0.17
CA TYR B 179 22.22 6.36 -1.16
C TYR B 179 22.80 7.76 -0.96
N PRO B 180 23.75 7.91 -0.04
CA PRO B 180 24.32 9.24 0.21
C PRO B 180 24.98 9.86 -1.00
N TYR B 181 25.60 9.05 -1.87
CA TYR B 181 26.22 9.61 -3.07
C TYR B 181 25.18 10.07 -4.08
N MET B 182 24.21 9.20 -4.38
CA MET B 182 23.15 9.55 -5.31
C MET B 182 22.41 10.80 -4.87
N HIS B 183 22.14 10.91 -3.56
CA HIS B 183 21.37 12.05 -3.05
C HIS B 183 22.09 13.36 -3.31
N GLN B 184 23.33 13.49 -2.83
CA GLN B 184 24.07 14.73 -3.02
C GLN B 184 24.48 14.96 -4.47
N TYR B 185 24.19 14.02 -5.37
CA TYR B 185 24.29 14.27 -6.80
C TYR B 185 22.99 14.84 -7.37
N MET B 186 21.85 14.44 -6.80
CA MET B 186 20.54 14.94 -7.23
C MET B 186 20.34 16.41 -6.90
N THR B 187 21.04 16.93 -5.88
CA THR B 187 20.80 18.31 -5.45
C THR B 187 21.04 19.30 -6.57
N ARG B 188 21.93 18.96 -7.51
CA ARG B 188 22.13 19.81 -8.68
C ARG B 188 20.87 19.93 -9.52
N PHE B 189 20.05 18.87 -9.54
CA PHE B 189 18.86 18.82 -10.38
C PHE B 189 17.57 18.94 -9.59
N ASN B 190 17.62 19.55 -8.40
CA ASN B 190 16.42 19.66 -7.58
C ASN B 190 15.35 20.48 -8.29
N GLN B 191 14.12 19.99 -8.24
CA GLN B 191 12.98 20.62 -8.88
C GLN B 191 12.10 21.26 -7.81
N ARG B 192 11.74 22.52 -8.02
CA ARG B 192 10.97 23.27 -7.03
C ARG B 192 9.56 22.70 -6.87
N GLY B 193 8.97 22.19 -7.96
CA GLY B 193 7.63 21.65 -7.91
C GLY B 193 7.49 20.46 -8.83
N VAL B 194 6.30 19.86 -8.79
CA VAL B 194 6.03 18.70 -9.64
C VAL B 194 5.83 19.14 -11.09
N GLU B 195 5.18 20.30 -11.29
CA GLU B 195 4.99 20.80 -12.65
C GLU B 195 6.33 21.21 -13.28
N ASP B 196 7.19 21.86 -12.50
CA ASP B 196 8.53 22.20 -13.00
C ASP B 196 9.31 20.95 -13.38
N ALA B 197 9.06 19.83 -12.68
CA ALA B 197 9.79 18.60 -12.97
C ALA B 197 9.41 18.04 -14.34
N LEU B 198 8.11 17.90 -14.59
CA LEU B 198 7.67 17.27 -15.83
C LEU B 198 7.94 18.14 -17.04
N VAL B 199 7.87 19.47 -16.88
CA VAL B 199 8.26 20.35 -17.96
C VAL B 199 9.73 20.12 -18.33
N SER B 200 10.57 19.92 -17.32
CA SER B 200 11.99 19.66 -17.58
CA SER B 200 11.99 19.66 -17.58
C SER B 200 12.19 18.31 -18.28
N LEU B 201 11.33 17.33 -17.99
CA LEU B 201 11.43 16.03 -18.66
C LEU B 201 11.08 16.15 -20.13
N LYS B 202 9.93 16.76 -20.44
CA LYS B 202 9.47 16.85 -21.81
C LYS B 202 10.42 17.66 -22.69
N THR B 203 10.98 18.74 -22.13
CA THR B 203 11.89 19.57 -22.92
C THR B 203 13.28 18.95 -23.05
N GLY B 204 13.63 18.00 -22.19
CA GLY B 204 14.86 17.25 -22.35
C GLY B 204 16.05 17.72 -21.55
N LYS B 205 15.83 18.39 -20.41
CA LYS B 205 16.92 18.73 -19.51
C LYS B 205 17.04 17.74 -18.35
N LEU B 206 16.05 16.88 -18.15
CA LEU B 206 16.03 15.92 -17.07
C LEU B 206 15.79 14.53 -17.66
N ASP B 207 16.66 13.58 -17.32
CA ASP B 207 16.50 12.22 -17.84
C ASP B 207 15.54 11.39 -16.99
N ALA B 208 15.30 11.76 -15.74
CA ALA B 208 14.42 11.00 -14.87
C ALA B 208 13.91 11.89 -13.76
N PHE B 209 12.72 11.58 -13.26
CA PHE B 209 12.13 12.27 -12.13
C PHE B 209 11.73 11.25 -11.08
N ILE B 210 12.36 11.33 -9.91
CA ILE B 210 12.11 10.42 -8.80
C ILE B 210 11.17 11.12 -7.83
N TYR B 211 9.98 10.56 -7.64
CA TYR B 211 8.96 11.21 -6.82
C TYR B 211 7.97 10.15 -6.33
N ASP B 212 6.98 10.62 -5.56
CA ASP B 212 5.95 9.75 -5.03
C ASP B 212 5.24 8.99 -6.15
N ALA B 213 5.02 7.70 -5.93
CA ALA B 213 4.45 6.85 -6.97
C ALA B 213 3.01 7.20 -7.27
N ALA B 214 2.23 7.57 -6.24
CA ALA B 214 0.82 7.87 -6.44
C ALA B 214 0.64 9.11 -7.32
N VAL B 215 1.43 10.16 -7.08
CA VAL B 215 1.32 11.37 -7.90
C VAL B 215 1.84 11.10 -9.31
N LEU B 216 2.95 10.37 -9.43
CA LEU B 216 3.49 10.08 -10.75
C LEU B 216 2.52 9.25 -11.58
N ASN B 217 1.95 8.21 -10.98
CA ASN B 217 0.96 7.39 -11.68
C ASN B 217 -0.22 8.23 -12.15
N TYR B 218 -0.59 9.26 -11.38
CA TYR B 218 -1.63 10.17 -11.83
C TYR B 218 -1.13 11.11 -12.91
N LYS B 219 0.09 11.64 -12.74
CA LYS B 219 0.66 12.53 -13.75
C LYS B 219 0.91 11.78 -15.06
N ALA B 220 1.40 10.54 -14.97
CA ALA B 220 1.57 9.73 -16.17
C ALA B 220 0.25 9.43 -16.85
N GLY B 221 -0.85 9.44 -16.09
CA GLY B 221 -2.15 9.12 -16.67
C GLY B 221 -2.69 10.23 -17.56
N ARG B 222 -2.35 11.48 -17.26
CA ARG B 222 -2.88 12.62 -18.00
C ARG B 222 -1.80 13.39 -18.77
N ASP B 223 -0.69 12.73 -19.09
CA ASP B 223 0.36 13.42 -19.84
C ASP B 223 -0.11 13.69 -21.27
N GLU B 224 0.17 14.91 -21.73
CA GLU B 224 -0.19 15.32 -23.09
C GLU B 224 0.53 14.44 -24.11
N GLY B 225 -0.23 13.60 -24.82
CA GLY B 225 0.34 12.69 -25.78
C GLY B 225 0.84 11.38 -25.22
N CYS B 226 0.80 11.20 -23.90
CA CYS B 226 1.25 9.98 -23.23
C CYS B 226 2.70 9.65 -23.60
N LYS B 227 3.58 10.55 -23.18
CA LYS B 227 5.02 10.37 -23.35
C LYS B 227 5.76 10.13 -22.04
N LEU B 228 5.33 10.78 -20.96
CA LEU B 228 5.91 10.56 -19.64
C LEU B 228 5.35 9.27 -19.05
N VAL B 229 6.25 8.34 -18.68
CA VAL B 229 5.85 7.02 -18.22
C VAL B 229 6.54 6.73 -16.89
N THR B 230 5.85 5.99 -16.02
CA THR B 230 6.47 5.40 -14.85
C THR B 230 7.07 4.05 -15.22
N ILE B 231 8.06 3.63 -14.45
CA ILE B 231 8.86 2.46 -14.78
C ILE B 231 8.46 1.30 -13.89
N GLY B 232 8.42 0.10 -14.48
CA GLY B 232 8.08 -1.10 -13.73
C GLY B 232 6.68 -1.61 -14.04
N ILE B 236 7.62 -0.05 -7.79
CA ILE B 236 7.61 0.82 -6.62
C ILE B 236 8.62 0.36 -5.58
N PHE B 237 9.61 1.20 -5.32
CA PHE B 237 10.58 0.96 -4.26
C PHE B 237 10.06 1.59 -2.96
N ALA B 238 10.42 0.95 -1.84
CA ALA B 238 10.00 1.41 -0.52
C ALA B 238 8.48 1.56 -0.46
N THR B 239 7.78 0.49 -0.82
CA THR B 239 6.33 0.55 -0.91
C THR B 239 5.71 0.86 0.45
N THR B 240 4.81 1.85 0.45
CA THR B 240 4.13 2.29 1.66
C THR B 240 2.74 2.79 1.32
N GLY B 241 2.35 3.95 1.84
CA GLY B 241 1.05 4.49 1.50
C GLY B 241 0.80 5.82 2.18
N TYR B 242 -0.29 6.46 1.76
CA TYR B 242 -0.75 7.66 2.44
C TYR B 242 -1.48 7.29 3.71
N GLY B 243 -1.22 8.02 4.78
CA GLY B 243 -1.82 7.73 6.05
C GLY B 243 -2.27 9.00 6.75
N ILE B 244 -3.39 8.88 7.45
CA ILE B 244 -3.91 9.97 8.26
C ILE B 244 -3.13 9.97 9.57
N ALA B 245 -2.35 11.02 9.79
CA ALA B 245 -1.53 11.12 10.99
C ALA B 245 -2.31 11.77 12.12
N LEU B 246 -2.18 11.20 13.31
CA LEU B 246 -2.76 11.77 14.52
C LEU B 246 -1.67 11.89 15.57
N GLN B 247 -2.01 12.56 16.68
CA GLN B 247 -1.08 12.65 17.78
C GLN B 247 -0.91 11.29 18.44
N LYS B 248 0.21 11.13 19.16
CA LYS B 248 0.53 9.86 19.78
C LYS B 248 -0.47 9.56 20.89
N GLY B 249 -1.36 8.60 20.65
CA GLY B 249 -2.34 8.18 21.64
C GLY B 249 -3.68 8.87 21.60
N SER B 250 -4.10 9.40 20.45
CA SER B 250 -5.40 10.04 20.38
C SER B 250 -6.51 8.99 20.44
N PRO B 251 -7.69 9.36 20.96
CA PRO B 251 -8.79 8.38 20.97
C PRO B 251 -9.27 8.01 19.57
N TRP B 252 -9.10 8.90 18.60
CA TRP B 252 -9.71 8.72 17.28
C TRP B 252 -8.97 7.73 16.40
N LYS B 253 -7.76 7.30 16.76
CA LYS B 253 -6.98 6.44 15.87
C LYS B 253 -7.65 5.09 15.69
N ARG B 254 -8.24 4.54 16.75
CA ARG B 254 -8.93 3.26 16.66
C ARG B 254 -10.15 3.36 15.73
N GLN B 255 -10.93 4.44 15.88
CA GLN B 255 -12.16 4.58 15.09
C GLN B 255 -11.84 4.79 13.61
N ILE B 256 -10.79 5.55 13.30
CA ILE B 256 -10.49 5.88 11.91
C ILE B 256 -10.04 4.63 11.15
N ASP B 257 -9.25 3.77 11.79
CA ASP B 257 -8.82 2.54 11.14
C ASP B 257 -10.01 1.65 10.82
N LEU B 258 -11.02 1.62 11.71
CA LEU B 258 -12.21 0.83 11.45
C LEU B 258 -13.03 1.42 10.31
N ALA B 259 -13.13 2.75 10.25
CA ALA B 259 -13.92 3.38 9.20
C ALA B 259 -13.23 3.27 7.85
N LEU B 260 -11.91 3.48 7.82
CA LEU B 260 -11.15 3.29 6.57
C LEU B 260 -11.28 1.86 6.08
N LEU B 261 -11.07 0.89 6.97
CA LEU B 261 -11.21 -0.51 6.59
C LEU B 261 -12.64 -0.84 6.17
N GLN B 262 -13.63 -0.15 6.74
CA GLN B 262 -15.02 -0.38 6.34
C GLN B 262 -15.25 0.06 4.90
N PHE B 263 -14.65 1.18 4.49
CA PHE B 263 -14.84 1.66 3.13
C PHE B 263 -14.31 0.68 2.10
N VAL B 264 -13.32 -0.14 2.48
CA VAL B 264 -12.79 -1.15 1.58
C VAL B 264 -13.83 -2.23 1.33
N GLY B 265 -14.44 -2.74 2.40
CA GLY B 265 -15.44 -3.78 2.27
C GLY B 265 -16.74 -3.31 1.65
N ASP B 266 -16.98 -2.01 1.61
CA ASP B 266 -18.17 -1.45 0.99
C ASP B 266 -17.94 -1.08 -0.47
N GLY B 267 -16.77 -1.36 -1.03
CA GLY B 267 -16.46 -0.90 -2.37
C GLY B 267 -16.36 0.60 -2.49
N GLU B 268 -16.19 1.31 -1.38
CA GLU B 268 -16.10 2.76 -1.40
C GLU B 268 -14.71 3.27 -1.76
N MET B 269 -13.68 2.45 -1.55
CA MET B 269 -12.32 2.92 -1.80
C MET B 269 -12.01 2.97 -3.28
N GLU B 270 -12.26 1.89 -4.01
CA GLU B 270 -12.16 1.96 -5.46
C GLU B 270 -13.21 2.90 -6.03
N GLU B 271 -14.31 3.12 -5.31
CA GLU B 271 -15.32 4.07 -5.75
C GLU B 271 -14.73 5.46 -5.94
N LEU B 272 -13.76 5.83 -5.11
CA LEU B 272 -13.10 7.12 -5.23
C LEU B 272 -11.95 7.10 -6.23
N GLU B 273 -11.17 6.02 -6.27
CA GLU B 273 -10.17 5.87 -7.32
C GLU B 273 -10.80 5.80 -8.69
N THR B 274 -11.97 5.15 -8.80
CA THR B 274 -12.75 5.19 -10.04
C THR B 274 -13.14 6.61 -10.42
N LEU B 275 -13.00 7.56 -9.50
CA LEU B 275 -13.42 8.94 -9.71
C LEU B 275 -12.27 9.92 -9.85
N TRP B 276 -11.23 9.81 -9.01
CA TRP B 276 -10.16 10.80 -8.98
C TRP B 276 -8.88 10.37 -9.66
N LEU B 277 -8.54 9.08 -9.64
CA LEU B 277 -7.24 8.61 -10.09
C LEU B 277 -7.28 7.96 -11.48
N THR B 278 -8.35 8.19 -12.24
CA THR B 278 -8.44 7.59 -13.56
C THR B 278 -7.43 8.23 -14.51
N GLY B 279 -6.94 7.43 -15.44
CA GLY B 279 -5.93 7.89 -16.38
C GLY B 279 -6.33 7.60 -17.82
N ILE B 280 -6.01 8.54 -18.70
CA ILE B 280 -6.26 8.34 -20.12
C ILE B 280 -5.23 7.38 -20.71
N CYS B 281 -3.96 7.55 -20.33
CA CYS B 281 -2.89 6.70 -20.84
C CYS B 281 -2.92 5.34 -20.16
#